data_3HXG
#
_entry.id   3HXG
#
_cell.length_a   45.560
_cell.length_b   125.400
_cell.length_c   37.340
_cell.angle_alpha   90.00
_cell.angle_beta   90.00
_cell.angle_gamma   90.00
#
_symmetry.space_group_name_H-M   'P 21 21 2'
#
loop_
_entity.id
_entity.type
_entity.pdbx_description
1 polymer 'Eukaryotic Translation Initiation Factor 4E'
2 polymer 'Eukaryotic translation initiation factor 4E-binding protein 1'
3 non-polymer "P1-7-METHYLGUANOSINE-P3-ADENOSINE-5',5'-TRIPHOSPHATE"
4 water water
#
loop_
_entity_poly.entity_id
_entity_poly.type
_entity_poly.pdbx_seq_one_letter_code
_entity_poly.pdbx_strand_id
1 'polypeptide(L)'
;GPLGSPEFPHPLQDSWSYYLFQFRKALDWDECLEKVATFSTIEDFWSVLTHTVRPREITYGKDLYMFKSDIMPKWEDPKN
ENGGRWLINVTARQDVDFLWDELLMLLIGSDWDTDEEDRQICGAVFQPRSRGSKLSVWLTSDNEEETILSIGRRIKERLE
LEDTIYFQPVSDQRSQTRGSDICTGKYEI
;
A
2 'polypeptide(L)' SGSGRIIYDRKFLMECRNSPV C
#
loop_
_chem_comp.id
_chem_comp.type
_chem_comp.name
_chem_comp.formula
GTA non-polymer P1-7-METHYLGUANOSINE-P3-ADENOSINE-5',5'-TRIPHOSPHATE 'C21 H30 N10 O17 P3 1'
#
# COMPACT_ATOMS: atom_id res chain seq x y z
N GLU A 7 26.89 -7.49 -3.60
CA GLU A 7 27.05 -6.42 -2.57
C GLU A 7 26.86 -4.97 -3.08
N PHE A 8 27.03 -4.73 -4.38
CA PHE A 8 26.56 -3.46 -4.98
C PHE A 8 25.04 -3.47 -4.88
N PRO A 9 24.44 -2.40 -4.33
CA PRO A 9 22.99 -2.45 -4.07
C PRO A 9 22.17 -2.66 -5.35
N HIS A 10 20.99 -3.26 -5.22
CA HIS A 10 20.14 -3.48 -6.38
C HIS A 10 19.13 -2.33 -6.47
N PRO A 11 19.22 -1.50 -7.54
CA PRO A 11 18.33 -0.35 -7.64
C PRO A 11 16.89 -0.77 -7.93
N LEU A 12 15.95 -0.05 -7.34
CA LEU A 12 14.53 -0.26 -7.60
C LEU A 12 14.03 0.63 -8.74
N GLN A 13 12.94 0.22 -9.38
CA GLN A 13 12.22 1.05 -10.34
C GLN A 13 11.91 2.44 -9.78
N ASP A 14 11.46 2.48 -8.54
CA ASP A 14 11.14 3.74 -7.89
C ASP A 14 11.83 3.91 -6.55
N SER A 15 12.01 5.16 -6.16
CA SER A 15 12.31 5.51 -4.78
C SER A 15 10.99 5.62 -4.00
N TRP A 16 10.95 5.07 -2.80
CA TRP A 16 9.73 5.01 -1.97
C TRP A 16 9.99 5.65 -0.62
N SER A 17 8.96 6.25 -0.02
CA SER A 17 9.07 6.76 1.36
C SER A 17 8.10 6.07 2.32
N TYR A 18 8.55 5.87 3.55
CA TYR A 18 7.80 5.11 4.55
C TYR A 18 7.35 6.03 5.69
N TYR A 19 6.05 6.03 5.97
CA TYR A 19 5.47 6.93 6.97
C TYR A 19 4.74 6.17 8.06
N LEU A 20 4.82 6.68 9.29
CA LEU A 20 3.96 6.20 10.38
C LEU A 20 2.90 7.23 10.64
N PHE A 21 1.65 6.81 10.74
CA PHE A 21 0.60 7.70 11.21
C PHE A 21 0.36 7.38 12.69
N GLN A 22 0.43 8.41 13.54
CA GLN A 22 0.16 8.24 14.97
C GLN A 22 -0.65 9.42 15.44
N PHE A 23 -1.89 9.15 15.85
CA PHE A 23 -2.75 10.23 16.32
C PHE A 23 -2.36 10.71 17.72
N ARG A 24 -2.27 12.03 17.86
CA ARG A 24 -2.19 12.68 19.16
C ARG A 24 -3.14 13.88 19.11
N LYS A 25 -3.86 14.10 20.21
CA LYS A 25 -4.82 15.19 20.30
C LYS A 25 -4.13 16.50 19.96
N ALA A 26 -4.89 17.42 19.36
CA ALA A 26 -4.37 18.73 18.98
C ALA A 26 -3.39 18.70 17.80
N LEU A 27 -3.37 17.57 17.08
CA LEU A 27 -2.74 17.53 15.76
C LEU A 27 -3.79 17.27 14.70
N ASP A 28 -3.66 17.97 13.56
CA ASP A 28 -4.51 17.73 12.39
C ASP A 28 -4.12 16.39 11.79
N TRP A 29 -5.01 15.82 10.97
CA TRP A 29 -4.76 14.52 10.36
C TRP A 29 -3.35 14.45 9.75
N ASP A 30 -3.04 15.42 8.87
CA ASP A 30 -1.77 15.38 8.14
C ASP A 30 -0.52 15.60 9.01
N GLU A 31 -0.70 16.20 10.17
CA GLU A 31 0.39 16.44 11.12
C GLU A 31 0.68 15.21 11.96
N CYS A 32 -0.20 14.22 11.89
CA CYS A 32 -0.01 12.93 12.56
C CYS A 32 0.90 11.99 11.75
N LEU A 33 1.23 12.37 10.53
CA LEU A 33 2.13 11.57 9.68
C LEU A 33 3.56 11.98 9.92
N GLU A 34 4.48 11.03 9.84
CA GLU A 34 5.90 11.37 9.83
C GLU A 34 6.71 10.42 8.96
N LYS A 35 7.58 10.97 8.13
CA LYS A 35 8.41 10.20 7.21
C LYS A 35 9.58 9.59 7.96
N VAL A 36 9.61 8.26 8.06
CA VAL A 36 10.67 7.60 8.81
C VAL A 36 11.76 6.99 7.96
N ALA A 37 11.57 6.97 6.64
CA ALA A 37 12.59 6.47 5.73
C ALA A 37 12.27 6.76 4.27
N THR A 38 13.32 6.89 3.46
CA THR A 38 13.22 6.90 2.00
C THR A 38 14.23 5.85 1.51
N PHE A 39 13.79 4.91 0.69
CA PHE A 39 14.69 3.87 0.16
C PHE A 39 14.57 3.77 -1.37
N SER A 40 15.62 3.26 -2.00
N SER A 40 15.61 3.26 -2.02
CA SER A 40 15.71 3.22 -3.45
CA SER A 40 15.64 3.17 -3.47
C SER A 40 16.46 1.96 -3.91
C SER A 40 16.31 1.88 -3.95
N THR A 41 16.66 1.01 -3.00
CA THR A 41 17.34 -0.25 -3.31
C THR A 41 16.64 -1.39 -2.61
N ILE A 42 16.84 -2.62 -3.09
CA ILE A 42 16.25 -3.80 -2.43
C ILE A 42 16.75 -3.89 -0.99
N GLU A 43 18.05 -3.65 -0.82
CA GLU A 43 18.71 -3.75 0.48
C GLU A 43 18.15 -2.77 1.51
N ASP A 44 17.92 -1.52 1.11
CA ASP A 44 17.37 -0.51 2.01
C ASP A 44 15.88 -0.72 2.26
N PHE A 45 15.18 -1.32 1.31
CA PHE A 45 13.77 -1.72 1.50
C PHE A 45 13.64 -2.69 2.69
N TRP A 46 14.39 -3.78 2.65
CA TRP A 46 14.38 -4.77 3.73
C TRP A 46 14.88 -4.21 5.08
N SER A 47 15.89 -3.35 5.03
CA SER A 47 16.39 -2.64 6.22
C SER A 47 15.29 -1.81 6.90
N VAL A 48 14.53 -1.06 6.12
CA VAL A 48 13.36 -0.34 6.64
C VAL A 48 12.42 -1.25 7.42
N LEU A 49 12.08 -2.40 6.83
CA LEU A 49 11.12 -3.32 7.44
C LEU A 49 11.69 -4.02 8.69
N THR A 50 13.00 -4.27 8.69
CA THR A 50 13.69 -4.85 9.84
C THR A 50 13.83 -3.86 11.02
N HIS A 51 13.85 -2.56 10.71
CA HIS A 51 14.08 -1.52 11.72
C HIS A 51 12.82 -0.78 12.17
N THR A 52 11.67 -1.20 11.63
CA THR A 52 10.40 -0.60 11.99
C THR A 52 9.45 -1.69 12.51
N VAL A 53 8.36 -1.27 13.14
CA VAL A 53 7.41 -2.17 13.80
C VAL A 53 6.74 -3.12 12.79
N ARG A 54 6.64 -4.40 13.17
CA ARG A 54 5.94 -5.41 12.36
C ARG A 54 4.43 -5.21 12.46
N PRO A 55 3.70 -5.39 11.34
CA PRO A 55 2.24 -5.29 11.34
C PRO A 55 1.54 -6.04 12.47
N ARG A 56 2.04 -7.22 12.82
CA ARG A 56 1.46 -8.02 13.90
C ARG A 56 1.72 -7.44 15.29
N GLU A 57 2.69 -6.53 15.40
CA GLU A 57 3.04 -5.90 16.68
C GLU A 57 2.43 -4.52 16.90
N ILE A 58 1.94 -3.89 15.83
CA ILE A 58 1.47 -2.50 15.89
C ILE A 58 0.21 -2.35 16.73
N THR A 59 0.14 -1.24 17.47
CA THR A 59 -1.06 -0.93 18.25
C THR A 59 -2.14 -0.40 17.32
N TYR A 60 -3.41 -0.64 17.66
CA TYR A 60 -4.53 -0.20 16.84
C TYR A 60 -4.49 1.29 16.53
N GLY A 61 -4.90 1.66 15.32
CA GLY A 61 -5.03 3.07 14.92
C GLY A 61 -3.73 3.76 14.53
N LYS A 62 -2.61 3.03 14.61
CA LYS A 62 -1.31 3.53 14.18
C LYS A 62 -1.00 2.86 12.85
N ASP A 63 -0.87 3.67 11.80
CA ASP A 63 -0.92 3.16 10.43
C ASP A 63 0.41 3.29 9.69
N LEU A 64 0.58 2.46 8.67
CA LEU A 64 1.79 2.44 7.86
C LEU A 64 1.45 2.81 6.41
N TYR A 65 2.14 3.82 5.89
CA TYR A 65 1.97 4.32 4.52
C TYR A 65 3.30 4.19 3.77
N MET A 66 3.28 3.52 2.62
CA MET A 66 4.46 3.45 1.75
C MET A 66 4.10 3.96 0.36
N PHE A 67 4.70 5.09 -0.02
CA PHE A 67 4.35 5.80 -1.23
C PHE A 67 5.59 6.13 -2.08
N LYS A 68 5.42 6.22 -3.40
CA LYS A 68 6.53 6.68 -4.25
C LYS A 68 6.90 8.07 -3.74
N SER A 69 8.20 8.31 -3.60
CA SER A 69 8.72 9.43 -2.81
C SER A 69 8.21 10.84 -3.16
N ASP A 70 7.87 11.09 -4.42
CA ASP A 70 7.33 12.39 -4.83
C ASP A 70 5.82 12.52 -4.59
N ILE A 71 5.21 11.45 -4.09
CA ILE A 71 3.78 11.45 -3.78
C ILE A 71 3.56 11.50 -2.27
N MET A 72 2.97 12.58 -1.77
CA MET A 72 2.62 12.67 -0.35
C MET A 72 1.51 11.66 -0.05
N PRO A 73 1.56 11.02 1.14
CA PRO A 73 0.54 10.02 1.49
C PRO A 73 -0.78 10.65 1.97
N LYS A 74 -1.44 11.40 1.10
CA LYS A 74 -2.66 12.10 1.44
C LYS A 74 -3.49 12.31 0.19
N TRP A 75 -4.82 12.36 0.34
CA TRP A 75 -5.73 12.57 -0.79
C TRP A 75 -5.42 13.84 -1.55
N GLU A 76 -4.86 14.82 -0.85
CA GLU A 76 -4.66 16.16 -1.43
C GLU A 76 -3.55 16.21 -2.50
N ASP A 77 -2.63 15.23 -2.47
CA ASP A 77 -1.59 15.13 -3.49
C ASP A 77 -2.18 15.03 -4.90
N PRO A 78 -1.59 15.77 -5.86
CA PRO A 78 -2.08 15.73 -7.24
C PRO A 78 -2.19 14.32 -7.82
N LYS A 79 -1.21 13.48 -7.52
CA LYS A 79 -1.21 12.10 -8.00
C LYS A 79 -2.27 11.23 -7.30
N ASN A 80 -2.85 11.73 -6.21
CA ASN A 80 -3.88 11.00 -5.45
C ASN A 80 -5.30 11.54 -5.57
N GLU A 81 -5.45 12.84 -5.79
CA GLU A 81 -6.75 13.51 -5.65
C GLU A 81 -7.85 12.99 -6.60
N ASN A 82 -7.45 12.57 -7.79
CA ASN A 82 -8.39 12.00 -8.76
C ASN A 82 -8.31 10.48 -8.79
N GLY A 83 -7.76 9.89 -7.73
CA GLY A 83 -7.47 8.46 -7.70
C GLY A 83 -8.46 7.63 -6.92
N GLY A 84 -7.97 6.51 -6.41
CA GLY A 84 -8.82 5.57 -5.69
C GLY A 84 -7.96 4.48 -5.11
N ARG A 85 -8.54 3.70 -4.21
CA ARG A 85 -7.80 2.61 -3.57
C ARG A 85 -8.49 1.27 -3.77
N TRP A 86 -7.69 0.22 -3.89
CA TRP A 86 -8.18 -1.12 -3.70
C TRP A 86 -8.11 -1.38 -2.20
N LEU A 87 -9.27 -1.68 -1.61
CA LEU A 87 -9.35 -1.93 -0.18
C LEU A 87 -9.50 -3.41 0.11
N ILE A 88 -8.66 -3.90 1.02
CA ILE A 88 -8.61 -5.30 1.43
C ILE A 88 -9.02 -5.36 2.90
N ASN A 89 -10.10 -6.10 3.16
CA ASN A 89 -10.57 -6.32 4.51
C ASN A 89 -9.95 -7.60 5.08
N VAL A 90 -9.06 -7.42 6.04
CA VAL A 90 -8.31 -8.51 6.66
C VAL A 90 -9.27 -9.37 7.49
N THR A 91 -9.13 -10.69 7.38
CA THR A 91 -9.89 -11.65 8.22
C THR A 91 -9.04 -12.20 9.38
N ALA A 92 -9.72 -12.76 10.38
CA ALA A 92 -9.05 -13.29 11.58
C ALA A 92 -7.97 -14.33 11.29
N ARG A 93 -8.17 -15.17 10.25
CA ARG A 93 -7.22 -16.25 9.91
C ARG A 93 -5.92 -15.77 9.26
N GLN A 94 -5.94 -14.54 8.77
CA GLN A 94 -4.83 -14.01 7.95
C GLN A 94 -3.71 -13.41 8.79
N ASP A 95 -2.47 -13.73 8.40
CA ASP A 95 -1.27 -13.12 8.96
C ASP A 95 -1.00 -11.79 8.25
N VAL A 96 -0.99 -10.70 9.03
CA VAL A 96 -0.84 -9.36 8.46
C VAL A 96 0.61 -9.02 8.06
N ASP A 97 1.57 -9.68 8.71
CA ASP A 97 2.98 -9.60 8.29
C ASP A 97 3.09 -10.13 6.88
N PHE A 98 2.57 -11.33 6.64
CA PHE A 98 2.54 -11.94 5.30
C PHE A 98 1.87 -11.01 4.29
N LEU A 99 0.67 -10.51 4.62
CA LEU A 99 -0.07 -9.61 3.71
C LEU A 99 0.72 -8.36 3.35
N TRP A 100 1.24 -7.68 4.37
CA TRP A 100 2.04 -6.46 4.19
C TRP A 100 3.31 -6.75 3.38
N ASP A 101 4.08 -7.75 3.78
CA ASP A 101 5.33 -8.11 3.07
C ASP A 101 5.09 -8.47 1.59
N GLU A 102 4.12 -9.33 1.33
CA GLU A 102 3.75 -9.69 -0.04
C GLU A 102 3.31 -8.48 -0.85
N LEU A 103 2.53 -7.61 -0.22
CA LEU A 103 2.05 -6.40 -0.86
C LEU A 103 3.22 -5.48 -1.23
N LEU A 104 4.07 -5.16 -0.25
CA LEU A 104 5.21 -4.28 -0.51
C LEU A 104 6.20 -4.86 -1.51
N MET A 105 6.44 -6.17 -1.44
CA MET A 105 7.25 -6.85 -2.48
C MET A 105 6.69 -6.64 -3.88
N LEU A 106 5.37 -6.79 -4.03
CA LEU A 106 4.70 -6.60 -5.32
C LEU A 106 4.96 -5.18 -5.83
N LEU A 107 4.73 -4.19 -4.97
CA LEU A 107 4.92 -2.79 -5.32
C LEU A 107 6.37 -2.41 -5.61
N ILE A 108 7.26 -2.68 -4.65
CA ILE A 108 8.66 -2.20 -4.79
C ILE A 108 9.38 -2.94 -5.91
N GLY A 109 9.08 -4.22 -6.07
CA GLY A 109 9.64 -5.03 -7.16
C GLY A 109 8.95 -4.76 -8.49
N SER A 110 7.88 -3.97 -8.47
CA SER A 110 7.09 -3.64 -9.67
C SER A 110 6.74 -4.90 -10.48
N ASP A 111 6.14 -5.88 -9.81
CA ASP A 111 5.87 -7.17 -10.45
C ASP A 111 4.49 -7.22 -11.08
N TRP A 112 4.20 -6.17 -11.84
CA TRP A 112 3.02 -6.08 -12.67
C TRP A 112 3.42 -6.48 -14.08
N ASP A 113 2.49 -7.02 -14.85
CA ASP A 113 2.75 -7.45 -16.22
C ASP A 113 3.16 -6.33 -17.17
N THR A 114 2.61 -5.13 -16.97
CA THR A 114 2.79 -4.01 -17.90
C THR A 114 3.27 -2.73 -17.21
N ASP A 115 3.98 -1.88 -17.97
CA ASP A 115 4.47 -0.59 -17.49
C ASP A 115 3.33 0.30 -16.98
N GLU A 116 2.22 0.31 -17.73
CA GLU A 116 1.09 1.15 -17.42
C GLU A 116 0.49 0.87 -16.04
N GLU A 117 0.48 -0.40 -15.65
CA GLU A 117 0.02 -0.80 -14.31
C GLU A 117 0.91 -0.16 -13.24
N ASP A 118 2.21 -0.15 -13.46
CA ASP A 118 3.16 0.43 -12.51
C ASP A 118 2.94 1.95 -12.42
N ARG A 119 2.66 2.58 -13.57
CA ARG A 119 2.35 4.02 -13.61
C ARG A 119 1.15 4.42 -12.75
N GLN A 120 0.20 3.51 -12.57
CA GLN A 120 -1.02 3.77 -11.78
C GLN A 120 -0.73 3.79 -10.28
N ILE A 121 0.30 3.06 -9.87
CA ILE A 121 0.58 2.82 -8.45
C ILE A 121 1.03 4.09 -7.74
N CYS A 122 0.35 4.44 -6.65
CA CYS A 122 0.83 5.52 -5.79
C CYS A 122 1.55 4.99 -4.56
N GLY A 123 0.88 4.14 -3.80
CA GLY A 123 1.46 3.52 -2.60
C GLY A 123 0.52 2.52 -1.93
N ALA A 124 0.92 2.05 -0.76
CA ALA A 124 0.14 1.07 0.03
C ALA A 124 -0.07 1.54 1.47
N VAL A 125 -1.15 1.07 2.10
CA VAL A 125 -1.48 1.48 3.48
C VAL A 125 -1.92 0.29 4.34
N PHE A 126 -1.30 0.14 5.51
CA PHE A 126 -1.76 -0.81 6.50
C PHE A 126 -2.41 -0.12 7.70
N GLN A 127 -3.67 -0.50 7.97
CA GLN A 127 -4.46 0.12 9.04
C GLN A 127 -4.99 -0.95 10.02
N PRO A 128 -4.31 -1.12 11.16
CA PRO A 128 -4.76 -2.10 12.16
C PRO A 128 -5.94 -1.55 12.95
N ARG A 129 -7.03 -2.31 13.00
CA ARG A 129 -8.25 -1.88 13.65
C ARG A 129 -8.85 -3.03 14.44
N SER A 130 -9.32 -2.73 15.65
CA SER A 130 -10.06 -3.70 16.45
C SER A 130 -11.29 -4.25 15.73
N ARG A 131 -11.95 -3.40 14.94
CA ARG A 131 -13.13 -3.77 14.18
C ARG A 131 -12.84 -4.64 12.94
N GLY A 132 -11.57 -4.70 12.56
CA GLY A 132 -11.16 -5.40 11.33
C GLY A 132 -10.15 -4.52 10.59
N SER A 133 -8.93 -5.05 10.45
CA SER A 133 -7.81 -4.31 9.88
C SER A 133 -7.97 -4.18 8.36
N LYS A 134 -7.29 -3.19 7.78
CA LYS A 134 -7.42 -2.89 6.35
C LYS A 134 -6.06 -2.72 5.70
N LEU A 135 -5.93 -3.26 4.48
CA LEU A 135 -4.81 -2.93 3.59
C LEU A 135 -5.36 -2.30 2.34
N SER A 136 -4.63 -1.34 1.80
CA SER A 136 -5.06 -0.61 0.63
C SER A 136 -3.90 -0.39 -0.32
N VAL A 137 -4.20 -0.35 -1.61
CA VAL A 137 -3.27 0.18 -2.61
C VAL A 137 -3.96 1.37 -3.28
N TRP A 138 -3.29 2.52 -3.20
CA TRP A 138 -3.79 3.76 -3.78
C TRP A 138 -3.28 3.86 -5.19
N LEU A 139 -4.20 4.21 -6.09
CA LEU A 139 -3.93 4.32 -7.51
C LEU A 139 -4.20 5.75 -7.97
N THR A 140 -3.60 6.14 -9.08
CA THR A 140 -3.58 7.54 -9.50
C THR A 140 -4.90 8.03 -10.15
N SER A 141 -5.64 7.11 -10.77
CA SER A 141 -6.91 7.42 -11.40
C SER A 141 -8.04 6.58 -10.81
N ASP A 142 -9.29 6.92 -11.11
CA ASP A 142 -10.43 6.12 -10.65
C ASP A 142 -11.23 5.54 -11.82
N ASN A 143 -10.70 5.71 -13.03
CA ASN A 143 -11.48 5.44 -14.23
C ASN A 143 -10.77 4.71 -15.36
N GLU A 144 -9.53 4.28 -15.12
CA GLU A 144 -8.80 3.43 -16.06
C GLU A 144 -9.20 1.98 -15.80
N GLU A 145 -10.45 1.65 -16.14
CA GLU A 145 -11.10 0.40 -15.74
C GLU A 145 -10.22 -0.82 -15.89
N GLU A 146 -9.73 -1.03 -17.10
CA GLU A 146 -8.97 -2.23 -17.45
C GLU A 146 -7.70 -2.36 -16.63
N THR A 147 -6.97 -1.25 -16.50
CA THR A 147 -5.69 -1.24 -15.77
C THR A 147 -5.94 -1.42 -14.27
N ILE A 148 -6.90 -0.68 -13.74
CA ILE A 148 -7.32 -0.82 -12.34
C ILE A 148 -7.69 -2.27 -12.02
N LEU A 149 -8.48 -2.91 -12.88
CA LEU A 149 -8.91 -4.29 -12.65
C LEU A 149 -7.80 -5.33 -12.70
N SER A 150 -6.84 -5.16 -13.61
CA SER A 150 -5.71 -6.09 -13.67
C SER A 150 -4.79 -5.95 -12.45
N ILE A 151 -4.68 -4.74 -11.92
CA ILE A 151 -3.94 -4.48 -10.67
C ILE A 151 -4.63 -5.17 -9.49
N GLY A 152 -5.96 -5.07 -9.43
CA GLY A 152 -6.73 -5.70 -8.38
C GLY A 152 -6.59 -7.21 -8.42
N ARG A 153 -6.65 -7.77 -9.62
CA ARG A 153 -6.44 -9.21 -9.83
C ARG A 153 -5.06 -9.66 -9.34
N ARG A 154 -4.02 -8.93 -9.74
CA ARG A 154 -2.64 -9.25 -9.33
C ARG A 154 -2.47 -9.18 -7.81
N ILE A 155 -3.05 -8.18 -7.16
CA ILE A 155 -3.02 -8.06 -5.69
C ILE A 155 -3.61 -9.30 -5.01
N LYS A 156 -4.78 -9.75 -5.50
CA LYS A 156 -5.47 -10.90 -4.92
C LYS A 156 -4.63 -12.16 -5.07
N GLU A 157 -3.98 -12.28 -6.24
CA GLU A 157 -3.08 -13.41 -6.50
C GLU A 157 -1.94 -13.41 -5.49
N ARG A 158 -1.20 -12.31 -5.44
CA ARG A 158 -0.02 -12.21 -4.59
C ARG A 158 -0.33 -12.37 -3.11
N LEU A 159 -1.46 -11.82 -2.67
CA LEU A 159 -1.83 -11.85 -1.26
C LEU A 159 -2.68 -13.06 -0.91
N GLU A 160 -2.99 -13.89 -1.91
CA GLU A 160 -3.77 -15.11 -1.75
C GLU A 160 -5.12 -14.78 -1.10
N LEU A 161 -5.79 -13.76 -1.65
CA LEU A 161 -7.02 -13.24 -1.07
C LEU A 161 -8.24 -14.00 -1.58
N GLU A 162 -9.16 -14.29 -0.68
CA GLU A 162 -10.39 -14.99 -1.02
C GLU A 162 -11.56 -13.99 -1.14
N ASP A 163 -11.81 -13.24 -0.07
CA ASP A 163 -12.89 -12.27 -0.01
C ASP A 163 -12.76 -11.19 -1.04
N THR A 164 -13.93 -10.70 -1.48
CA THR A 164 -14.02 -9.59 -2.42
C THR A 164 -13.21 -8.37 -1.94
N ILE A 165 -12.45 -7.80 -2.87
CA ILE A 165 -11.79 -6.50 -2.65
C ILE A 165 -12.52 -5.36 -3.37
N TYR A 166 -12.39 -4.14 -2.86
CA TYR A 166 -13.24 -3.02 -3.29
C TYR A 166 -12.42 -1.85 -3.81
N PHE A 167 -12.76 -1.35 -4.99
CA PHE A 167 -12.11 -0.14 -5.50
C PHE A 167 -12.94 1.13 -5.20
N GLN A 168 -12.36 2.00 -4.37
CA GLN A 168 -13.08 3.17 -3.89
C GLN A 168 -12.37 4.46 -4.30
N PRO A 169 -13.00 5.26 -5.18
CA PRO A 169 -12.46 6.57 -5.53
C PRO A 169 -12.31 7.44 -4.31
N VAL A 170 -11.37 8.39 -4.38
CA VAL A 170 -11.10 9.34 -3.32
C VAL A 170 -12.35 10.07 -2.83
N SER A 171 -13.22 10.48 -3.75
CA SER A 171 -14.48 11.13 -3.36
C SER A 171 -15.29 10.29 -2.36
N ASP A 172 -15.36 8.98 -2.60
CA ASP A 172 -16.06 8.06 -1.71
C ASP A 172 -15.37 7.81 -0.37
N GLN A 173 -14.03 7.80 -0.39
CA GLN A 173 -13.26 7.69 0.83
C GLN A 173 -13.49 8.93 1.72
N ARG A 174 -13.45 10.12 1.11
CA ARG A 174 -13.61 11.35 1.88
C ARG A 174 -14.98 11.43 2.54
N SER A 175 -16.03 11.17 1.76
CA SER A 175 -17.40 11.29 2.22
C SER A 175 -17.78 10.19 3.20
N GLN A 176 -17.00 9.11 3.22
CA GLN A 176 -17.24 7.96 4.12
C GLN A 176 -17.21 8.36 5.59
N THR A 177 -18.34 8.15 6.26
CA THR A 177 -18.50 8.47 7.67
C THR A 177 -17.82 7.40 8.52
N ARG A 178 -16.96 7.84 9.43
CA ARG A 178 -16.31 6.92 10.37
C ARG A 178 -17.38 6.14 11.12
N GLY A 179 -17.16 4.84 11.28
CA GLY A 179 -18.10 4.00 12.03
C GLY A 179 -19.12 3.26 11.20
N SER A 180 -19.37 3.72 9.98
CA SER A 180 -20.33 3.08 9.07
C SER A 180 -19.85 1.69 8.70
N ASP A 181 -20.80 0.76 8.65
CA ASP A 181 -20.49 -0.65 8.32
C ASP A 181 -20.76 -1.00 6.84
N ILE A 182 -20.97 0.00 6.00
CA ILE A 182 -21.19 -0.25 4.58
C ILE A 182 -19.85 -0.40 3.84
N CYS A 183 -19.74 -1.47 3.05
CA CYS A 183 -18.54 -1.67 2.23
C CYS A 183 -18.85 -1.99 0.77
N THR A 184 -18.54 -1.02 -0.08
CA THR A 184 -18.84 -1.11 -1.51
C THR A 184 -17.73 -0.45 -2.32
N GLY A 185 -17.71 -0.73 -3.61
CA GLY A 185 -16.72 -0.15 -4.51
C GLY A 185 -17.25 0.11 -5.91
N LYS A 186 -16.66 1.09 -6.59
CA LYS A 186 -16.91 1.32 -8.00
C LYS A 186 -16.59 0.06 -8.82
N TYR A 187 -15.53 -0.64 -8.41
CA TYR A 187 -15.20 -1.95 -8.96
C TYR A 187 -15.07 -2.94 -7.81
N GLU A 188 -15.31 -4.21 -8.09
CA GLU A 188 -15.16 -5.32 -7.14
C GLU A 188 -14.64 -6.57 -7.80
N ILE A 189 -13.74 -7.27 -7.14
CA ILE A 189 -13.25 -8.55 -7.62
C ILE A 189 -12.88 -9.49 -6.50
N GLY B 4 13.55 -0.79 -19.83
CA GLY B 4 13.24 0.19 -18.84
C GLY B 4 12.85 -0.34 -17.48
N ARG B 5 11.60 -0.74 -17.36
CA ARG B 5 11.04 -1.03 -16.07
C ARG B 5 11.83 -2.06 -15.29
N ILE B 6 12.29 -1.71 -14.11
CA ILE B 6 13.04 -2.62 -13.25
C ILE B 6 12.10 -3.50 -12.41
N ILE B 7 12.21 -4.81 -12.62
CA ILE B 7 11.27 -5.77 -12.04
C ILE B 7 12.01 -6.87 -11.27
N TYR B 8 11.53 -7.16 -10.06
CA TYR B 8 12.08 -8.23 -9.23
C TYR B 8 10.93 -9.09 -8.72
N ASP B 9 11.03 -10.40 -8.88
CA ASP B 9 9.96 -11.29 -8.38
C ASP B 9 10.19 -11.58 -6.91
N ARG B 10 9.16 -12.11 -6.23
CA ARG B 10 9.28 -12.31 -4.79
C ARG B 10 10.40 -13.28 -4.44
N LYS B 11 10.60 -14.31 -5.27
CA LYS B 11 11.68 -15.28 -5.05
C LYS B 11 13.02 -14.56 -4.91
N PHE B 12 13.35 -13.72 -5.88
CA PHE B 12 14.58 -12.94 -5.81
C PHE B 12 14.62 -12.00 -4.61
N LEU B 13 13.55 -11.21 -4.43
CA LEU B 13 13.46 -10.29 -3.30
C LEU B 13 13.70 -10.98 -1.95
N MET B 14 13.09 -12.15 -1.76
CA MET B 14 13.24 -12.89 -0.51
C MET B 14 14.63 -13.50 -0.31
N GLU B 15 15.29 -13.85 -1.43
CA GLU B 15 16.67 -14.35 -1.39
C GLU B 15 17.62 -13.24 -0.94
N CYS B 16 17.34 -12.03 -1.40
CA CYS B 16 18.05 -10.85 -0.95
C CYS B 16 17.82 -10.59 0.55
N ARG B 17 16.62 -10.89 1.05
CA ARG B 17 16.33 -10.71 2.48
C ARG B 17 17.06 -11.74 3.35
N ASN B 18 16.69 -13.01 3.19
CA ASN B 18 17.22 -14.11 4.01
C ASN B 18 18.50 -14.72 3.44
N2 GTA C . -7.34 15.54 4.78
O6 GTA C . -5.68 11.72 2.92
C6 GTA C . -6.36 12.24 3.84
C5 GTA C . -7.00 11.51 4.85
N7 GTA C . -7.05 10.19 5.09
C7 GTA C . -6.41 9.09 4.31
C8 GTA C . -7.82 10.02 6.18
N9 GTA C . -8.24 11.22 6.62
C4 GTA C . -7.75 12.15 5.81
N3 GTA C . -7.86 13.50 5.77
C2 GTA C . -7.23 14.19 4.80
N1 GTA C . -6.51 13.58 3.86
O3A GTA C . -12.50 10.21 7.87
C1A GTA C . -9.11 11.50 7.80
C2A GTA C . -10.56 11.58 7.35
C3A GTA C . -11.09 10.21 7.68
C4A GTA C . -10.35 9.92 8.96
C5A GTA C . -10.28 8.44 9.26
O4A GTA C . -9.04 10.43 8.74
O2A GTA C . -11.26 12.62 8.09
P1 GTA C . -9.34 6.25 8.26
O11 GTA C . -8.97 5.78 6.87
O12 GTA C . -8.35 6.16 9.38
O13 GTA C . -10.75 5.58 8.62
O15 GTA C . -9.76 7.78 8.11
P2 GTA C . -11.12 4.73 9.92
O22 GTA C . -12.63 4.59 9.89
O21 GTA C . -10.23 3.51 9.96
O23 GTA C . -10.79 5.76 11.12
P3 GTA C . -10.92 5.45 12.70
O32 GTA C . -12.10 6.24 13.20
O31 GTA C . -10.82 3.98 13.05
O33 GTA C . -9.57 6.14 13.24
C5B GTA C . -8.26 5.62 12.95
C4B GTA C . -7.18 6.52 13.55
O4B GTA C . -7.21 7.80 12.92
C3B GTA C . -7.35 6.80 15.03
O3B GTA C . -6.04 6.95 15.58
C2B GTA C . -8.09 8.13 15.11
O2B GTA C . -7.77 8.86 16.30
C1B GTA C . -7.54 8.82 13.86
N9C GTA C . -8.48 9.74 13.19
C8C GTA C . -9.71 9.45 12.72
N7C GTA C . -10.27 10.52 12.13
C5C GTA C . -9.36 11.52 12.19
C6C GTA C . -9.31 12.91 11.75
N6C GTA C . -10.35 13.48 11.11
N1C GTA C . -8.18 13.62 12.04
C2C GTA C . -7.12 13.07 12.69
N3C GTA C . -7.10 11.80 13.12
C4C GTA C . -8.19 11.00 12.89
#